data_8PH3
#
_entry.id   8PH3
#
_cell.length_a   39.510
_cell.length_b   67.810
_cell.length_c   40.290
_cell.angle_alpha   90.000
_cell.angle_beta   93.690
_cell.angle_gamma   90.000
#
_symmetry.space_group_name_H-M   'P 1 21 1'
#
loop_
_entity.id
_entity.type
_entity.pdbx_description
1 polymer 'Beta-lactamase VIM-1'
2 non-polymer 'ZINC ION'
3 non-polymer '7-[(1~{S})-1-[2-(aminomethyl)-6-oxidanylidene-5-oxa-7-azaspiro[3.4]octan-7-yl]ethyl]-3-(1-methylpyrazol-4-yl)-1~{H}-indole-2-carboxylic acid'
4 water water
#
_entity_poly.entity_id   1
_entity_poly.type   'polypeptide(L)'
_entity_poly.pdbx_seq_one_letter_code
;MLKVISSLLVYMTASVMAVASPLAHSGEPSGEYPTVNEIPVGEVRLYQIADGVWSHIATQSFDGAVYPSNGLIVRDGDEL
LLIDTAWGAKNTAALLAEIEKQIGLPVTRAVSTHFHDDRVGGVDVLRAAGVATYASPSTRRLAEAEGNEIPTHSLEGLSS
SGDAVRFGPVELFYPGAAHSTDNLVVYVPSANVLYGGCAVHELSSTSAGNVADADLAEWPTSVERIQKHYPEAEVVIPGH
GLPGGLDLLQHTANVVKAHKNRSVAE
;
_entity_poly.pdbx_strand_id   A
#
loop_
_chem_comp.id
_chem_comp.type
_chem_comp.name
_chem_comp.formula
YQR non-polymer '7-[(1~{S})-1-[2-(aminomethyl)-6-oxidanylidene-5-oxa-7-azaspiro[3.4]octan-7-yl]ethyl]-3-(1-methylpyrazol-4-yl)-1~{H}-indole-2-carboxylic acid' 'C22 H25 N5 O4'
ZN non-polymer 'ZINC ION' 'Zn 2'
#
# COMPACT_ATOMS: atom_id res chain seq x y z
N SER A 30 -7.77 20.96 0.86
CA SER A 30 -9.16 21.43 0.91
C SER A 30 -10.13 20.46 0.23
N GLY A 31 -9.87 19.17 0.41
CA GLY A 31 -10.75 18.13 -0.08
C GLY A 31 -10.28 17.35 -1.29
N GLU A 32 -9.38 17.88 -2.12
CA GLU A 32 -8.85 17.08 -3.22
C GLU A 32 -7.87 16.04 -2.70
N TYR A 33 -7.55 15.03 -3.52
CA TYR A 33 -6.60 14.02 -3.05
C TYR A 33 -5.24 14.69 -2.92
N PRO A 34 -4.55 14.55 -1.80
CA PRO A 34 -3.31 15.32 -1.64
C PRO A 34 -2.18 14.78 -2.47
N THR A 35 -1.40 15.69 -3.10
N THR A 35 -1.23 15.67 -2.54
CA THR A 35 -0.38 15.36 -4.12
CA THR A 35 -0.04 15.46 -3.28
C THR A 35 1.06 15.68 -3.68
C THR A 35 1.10 16.02 -2.48
N VAL A 36 2.08 15.21 -4.44
N VAL A 36 2.29 15.78 -3.02
CA VAL A 36 3.47 15.18 -3.94
CA VAL A 36 3.48 16.33 -2.41
C VAL A 36 3.94 16.57 -3.50
C VAL A 36 3.40 17.82 -2.24
N ASN A 37 3.74 17.58 -4.33
N ASN A 37 2.62 18.51 -3.07
CA ASN A 37 4.21 18.92 -3.96
CA ASN A 37 2.54 19.96 -2.95
C ASN A 37 3.35 19.57 -2.89
C ASN A 37 1.64 20.43 -1.81
N GLU A 38 2.24 18.94 -2.49
N GLU A 38 0.83 19.56 -1.20
CA GLU A 38 1.38 19.46 -1.45
CA GLU A 38 -0.08 20.00 -0.14
C GLU A 38 1.69 18.90 -0.06
C GLU A 38 0.12 19.27 1.18
N ILE A 39 2.59 17.92 0.08
N ILE A 39 1.22 18.54 1.30
CA ILE A 39 2.91 17.27 1.36
CA ILE A 39 1.59 17.92 2.56
C ILE A 39 4.41 17.37 1.60
C ILE A 39 2.79 18.69 3.11
N PRO A 40 4.89 18.17 2.54
N PRO A 40 2.66 19.38 4.23
CA PRO A 40 6.32 18.20 2.82
CA PRO A 40 3.81 20.09 4.78
C PRO A 40 6.75 16.85 3.37
C PRO A 40 4.96 19.12 5.08
N VAL A 41 7.99 16.49 3.10
N VAL A 41 6.17 19.67 5.06
CA VAL A 41 8.49 15.23 3.63
CA VAL A 41 7.37 18.86 5.25
C VAL A 41 8.48 15.33 5.16
C VAL A 41 7.28 18.01 6.52
N GLY A 42 7.89 14.34 5.82
N GLY A 42 7.56 16.71 6.37
CA GLY A 42 7.70 14.34 7.25
CA GLY A 42 7.57 15.75 7.46
C GLY A 42 6.25 14.57 7.70
C GLY A 42 6.22 15.34 7.98
N GLU A 43 5.38 15.00 6.81
N GLU A 43 5.16 15.68 7.27
CA GLU A 43 4.00 15.28 7.17
CA GLU A 43 3.79 15.43 7.71
C GLU A 43 3.09 14.22 6.61
C GLU A 43 3.15 14.32 6.85
N VAL A 44 1.95 13.96 7.27
CA VAL A 44 1.08 12.93 6.72
C VAL A 44 -0.33 13.49 6.61
N ARG A 45 -1.02 13.13 5.54
N ARG A 45 -1.02 13.15 5.54
CA ARG A 45 -2.43 13.46 5.43
CA ARG A 45 -2.42 13.49 5.41
C ARG A 45 -3.24 12.18 5.34
C ARG A 45 -3.27 12.23 5.24
N LEU A 46 -4.49 12.31 5.74
CA LEU A 46 -5.46 11.24 5.57
C LEU A 46 -6.51 11.70 4.56
N TYR A 47 -7.14 10.74 3.89
CA TYR A 47 -8.20 11.02 2.94
C TYR A 47 -9.30 10.01 3.13
N GLN A 48 -10.52 10.48 3.39
CA GLN A 48 -11.63 9.55 3.59
C GLN A 48 -12.03 8.96 2.25
N ILE A 49 -11.97 7.64 2.16
CA ILE A 49 -12.34 6.90 0.96
C ILE A 49 -13.78 6.45 0.98
N ALA A 50 -14.22 5.94 2.12
CA ALA A 50 -15.56 5.40 2.32
C ALA A 50 -15.80 5.38 3.81
N ASP A 51 -17.00 4.99 4.23
CA ASP A 51 -17.26 4.86 5.68
CA ASP A 51 -17.24 4.87 5.67
C ASP A 51 -16.26 3.86 6.28
N GLY A 52 -15.50 4.31 7.28
CA GLY A 52 -14.54 3.44 7.92
C GLY A 52 -13.31 3.09 7.10
N VAL A 53 -13.04 3.81 6.03
CA VAL A 53 -11.87 3.56 5.19
C VAL A 53 -11.21 4.88 4.83
N TRP A 54 -9.92 4.99 5.12
CA TRP A 54 -9.12 6.15 4.78
C TRP A 54 -7.90 5.66 4.03
N SER A 55 -7.36 6.50 3.15
CA SER A 55 -5.96 6.34 2.76
C SER A 55 -5.11 7.30 3.57
N HIS A 56 -3.84 6.93 3.71
CA HIS A 56 -2.83 7.83 4.24
C HIS A 56 -1.82 8.14 3.14
N ILE A 57 -1.35 9.39 3.14
CA ILE A 57 -0.45 9.89 2.12
C ILE A 57 0.72 10.59 2.77
N ALA A 58 1.93 10.22 2.35
CA ALA A 58 3.15 10.82 2.88
C ALA A 58 4.12 10.99 1.72
N THR A 59 5.19 11.71 1.94
CA THR A 59 6.18 11.84 0.89
CA THR A 59 6.19 11.96 0.93
C THR A 59 7.57 11.55 1.44
N GLN A 60 8.43 11.08 0.55
CA GLN A 60 9.77 10.69 0.96
C GLN A 60 10.72 10.92 -0.20
N SER A 61 11.98 11.12 0.18
N SER A 61 11.97 11.22 0.13
CA SER A 61 13.11 11.28 -0.74
CA SER A 61 12.98 11.30 -0.91
C SER A 61 13.71 9.90 -0.96
C SER A 61 13.74 9.99 -0.99
N PHE A 62 14.09 9.63 -2.23
CA PHE A 62 14.77 8.38 -2.55
C PHE A 62 15.63 8.66 -3.77
N ASP A 63 16.94 8.42 -3.65
CA ASP A 63 17.85 8.65 -4.76
C ASP A 63 17.70 10.06 -5.34
N GLY A 64 17.45 11.02 -4.46
CA GLY A 64 17.46 12.41 -4.89
C GLY A 64 16.21 12.87 -5.59
N ALA A 65 15.10 12.15 -5.47
CA ALA A 65 13.81 12.63 -5.97
C ALA A 65 12.77 12.39 -4.89
N VAL A 66 11.70 13.18 -4.92
CA VAL A 66 10.64 13.12 -3.93
C VAL A 66 9.42 12.45 -4.54
N TYR A 67 8.84 11.52 -3.79
CA TYR A 67 7.69 10.76 -4.24
C TYR A 67 6.62 10.73 -3.18
N PRO A 68 5.36 10.73 -3.56
CA PRO A 68 4.27 10.41 -2.63
C PRO A 68 4.11 8.91 -2.52
N SER A 69 3.37 8.49 -1.50
N SER A 69 3.49 8.47 -1.44
CA SER A 69 3.08 7.09 -1.28
CA SER A 69 3.03 7.08 -1.39
C SER A 69 1.84 6.94 -0.42
C SER A 69 1.80 7.00 -0.52
N ASN A 70 1.01 5.97 -0.78
CA ASN A 70 -0.24 5.70 -0.07
C ASN A 70 -0.12 4.49 0.86
N GLY A 71 -0.99 4.50 1.86
CA GLY A 71 -1.38 3.32 2.60
C GLY A 71 -2.87 3.38 2.93
N LEU A 72 -3.35 2.47 3.75
CA LEU A 72 -4.76 2.36 4.05
C LEU A 72 -4.98 2.29 5.55
N ILE A 73 -6.15 2.75 6.01
CA ILE A 73 -6.60 2.62 7.39
C ILE A 73 -8.02 2.11 7.31
N VAL A 74 -8.35 1.04 8.05
CA VAL A 74 -9.67 0.45 8.01
C VAL A 74 -10.19 0.32 9.43
N ARG A 75 -11.35 0.91 9.70
N ARG A 75 -11.36 0.88 9.70
CA ARG A 75 -11.98 0.78 11.01
CA ARG A 75 -11.94 0.77 11.03
C ARG A 75 -12.29 -0.69 11.28
C ARG A 75 -12.34 -0.67 11.31
N ASP A 76 -11.97 -1.12 12.51
CA ASP A 76 -12.04 -2.53 12.96
C ASP A 76 -12.73 -2.46 14.33
N GLY A 77 -14.03 -2.17 14.31
CA GLY A 77 -14.77 -1.94 15.54
C GLY A 77 -14.38 -0.63 16.22
N ASP A 78 -13.85 -0.69 17.45
CA ASP A 78 -13.29 0.49 18.08
C ASP A 78 -11.77 0.50 17.98
N GLU A 79 -11.20 -0.26 17.05
CA GLU A 79 -9.78 -0.25 16.76
C GLU A 79 -9.58 0.05 15.27
N LEU A 80 -8.32 0.22 14.88
CA LEU A 80 -7.98 0.44 13.48
C LEU A 80 -6.95 -0.59 13.02
N LEU A 81 -7.14 -1.05 11.78
CA LEU A 81 -6.16 -1.83 11.03
C LEU A 81 -5.43 -0.90 10.07
N LEU A 82 -4.11 -0.93 10.12
CA LEU A 82 -3.26 -0.15 9.23
C LEU A 82 -2.71 -1.03 8.12
N ILE A 83 -2.75 -0.56 6.89
CA ILE A 83 -2.08 -1.20 5.77
C ILE A 83 -0.95 -0.30 5.31
N ASP A 84 0.29 -0.78 5.50
CA ASP A 84 1.54 -0.15 5.07
C ASP A 84 1.93 1.02 5.96
N THR A 85 3.23 1.16 6.13
CA THR A 85 3.79 2.32 6.80
C THR A 85 3.71 3.55 5.90
N ALA A 86 4.14 4.69 6.44
CA ALA A 86 4.19 5.94 5.71
C ALA A 86 5.58 6.21 5.12
N TRP A 87 6.39 5.18 4.90
CA TRP A 87 7.67 5.31 4.20
C TRP A 87 8.69 6.06 5.04
N GLY A 88 9.07 5.44 6.15
CA GLY A 88 10.09 5.96 7.04
C GLY A 88 9.63 6.07 8.47
N ALA A 89 10.60 6.05 9.38
CA ALA A 89 10.31 6.12 10.81
C ALA A 89 9.61 7.42 11.19
N LYS A 90 10.20 8.55 10.81
N LYS A 90 10.17 8.55 10.80
CA LYS A 90 9.61 9.84 11.17
CA LYS A 90 9.57 9.82 11.21
C LYS A 90 8.23 10.00 10.54
C LYS A 90 8.21 10.01 10.53
N ASN A 91 8.09 9.64 9.26
CA ASN A 91 6.80 9.72 8.61
C ASN A 91 5.77 8.85 9.34
N THR A 92 6.17 7.67 9.77
CA THR A 92 5.26 6.74 10.45
C THR A 92 4.84 7.24 11.82
N ALA A 93 5.76 7.86 12.56
CA ALA A 93 5.36 8.53 13.80
C ALA A 93 4.35 9.64 13.52
N ALA A 94 4.59 10.40 12.45
CA ALA A 94 3.65 11.45 12.08
C ALA A 94 2.30 10.87 11.67
N LEU A 95 2.31 9.71 11.02
CA LEU A 95 1.08 9.01 10.67
C LEU A 95 0.26 8.68 11.92
N LEU A 96 0.93 8.11 12.93
CA LEU A 96 0.21 7.78 14.14
C LEU A 96 -0.40 9.01 14.78
N ALA A 97 0.35 10.11 14.81
CA ALA A 97 -0.17 11.36 15.38
C ALA A 97 -1.36 11.88 14.58
N GLU A 98 -1.28 11.81 13.26
CA GLU A 98 -2.38 12.26 12.43
C GLU A 98 -3.64 11.42 12.62
N ILE A 99 -3.47 10.11 12.77
CA ILE A 99 -4.59 9.23 13.07
C ILE A 99 -5.23 9.61 14.39
N GLU A 100 -4.41 9.85 15.42
CA GLU A 100 -4.98 10.24 16.71
C GLU A 100 -5.75 11.55 16.62
N LYS A 101 -5.25 12.50 15.84
CA LYS A 101 -5.90 13.79 15.70
C LYS A 101 -7.21 13.66 14.92
N GLN A 102 -7.23 12.89 13.84
CA GLN A 102 -8.35 12.87 12.91
C GLN A 102 -9.38 11.81 13.23
N ILE A 103 -8.96 10.68 13.81
CA ILE A 103 -9.82 9.53 14.01
C ILE A 103 -9.97 9.19 15.49
N GLY A 104 -8.85 9.14 16.22
CA GLY A 104 -8.89 8.98 17.65
C GLY A 104 -9.18 7.58 18.15
N LEU A 105 -8.96 6.57 17.32
CA LEU A 105 -9.05 5.17 17.71
C LEU A 105 -7.67 4.55 17.59
N PRO A 106 -7.36 3.56 18.41
CA PRO A 106 -6.00 3.01 18.42
C PRO A 106 -5.74 2.09 17.24
N VAL A 107 -4.56 2.24 16.65
CA VAL A 107 -4.07 1.29 15.68
C VAL A 107 -3.55 0.08 16.43
N THR A 108 -4.15 -1.08 16.18
CA THR A 108 -3.74 -2.28 16.90
C THR A 108 -2.96 -3.25 16.06
N ARG A 109 -3.15 -3.27 14.73
CA ARG A 109 -2.47 -4.22 13.87
C ARG A 109 -2.10 -3.48 12.59
N ALA A 110 -1.02 -3.94 11.96
CA ALA A 110 -0.62 -3.41 10.66
C ALA A 110 -0.20 -4.57 9.78
N VAL A 111 -0.50 -4.46 8.48
CA VAL A 111 -0.05 -5.39 7.47
C VAL A 111 0.80 -4.61 6.47
N SER A 112 1.97 -5.14 6.11
CA SER A 112 2.79 -4.58 5.04
C SER A 112 2.61 -5.44 3.80
N THR A 113 2.36 -4.77 2.68
CA THR A 113 1.97 -5.47 1.44
C THR A 113 3.13 -5.86 0.55
N HIS A 114 4.34 -5.37 0.80
CA HIS A 114 5.56 -5.98 0.24
C HIS A 114 6.74 -5.48 1.06
N PHE A 115 7.95 -5.87 0.66
CA PHE A 115 9.12 -5.72 1.52
C PHE A 115 9.85 -4.38 1.41
N HIS A 116 9.45 -3.52 0.49
CA HIS A 116 10.16 -2.27 0.28
C HIS A 116 9.91 -1.25 1.39
N ASP A 117 10.79 -0.27 1.46
CA ASP A 117 10.75 0.72 2.55
C ASP A 117 9.50 1.55 2.61
N ASP A 118 8.82 1.74 1.48
CA ASP A 118 7.55 2.45 1.49
C ASP A 118 6.40 1.61 2.08
N ARG A 119 6.68 0.38 2.45
CA ARG A 119 5.70 -0.51 3.04
C ARG A 119 6.08 -0.96 4.43
N VAL A 120 7.38 -1.16 4.69
CA VAL A 120 7.87 -1.64 5.99
C VAL A 120 8.67 -0.60 6.74
N GLY A 121 9.13 0.50 6.09
CA GLY A 121 9.96 1.45 6.82
C GLY A 121 9.08 2.23 7.78
N GLY A 122 9.30 2.05 9.08
CA GLY A 122 8.34 2.50 10.06
C GLY A 122 7.77 1.39 10.89
N VAL A 123 8.02 0.12 10.52
CA VAL A 123 7.57 -1.00 11.31
C VAL A 123 8.14 -0.98 12.73
N ASP A 124 9.41 -0.55 12.90
CA ASP A 124 9.97 -0.50 14.23
C ASP A 124 9.23 0.55 15.08
N VAL A 125 8.91 1.70 14.49
CA VAL A 125 8.09 2.71 15.17
C VAL A 125 6.75 2.10 15.58
N LEU A 126 6.08 1.43 14.65
CA LEU A 126 4.79 0.81 14.96
C LEU A 126 4.92 -0.17 16.13
N ARG A 127 5.95 -1.01 16.09
N ARG A 127 5.88 -1.07 16.06
CA ARG A 127 6.16 -2.06 17.09
CA ARG A 127 6.00 -2.06 17.12
C ARG A 127 6.40 -1.49 18.48
C ARG A 127 6.18 -1.38 18.47
N ALA A 128 7.05 -0.35 18.57
CA ALA A 128 7.20 0.40 19.84
C ALA A 128 5.99 1.24 20.26
N ALA A 129 4.98 1.40 19.42
CA ALA A 129 3.75 2.10 19.74
C ALA A 129 2.55 1.16 19.95
N GLY A 130 2.83 -0.12 20.21
CA GLY A 130 1.81 -1.08 20.58
C GLY A 130 1.15 -1.77 19.41
N VAL A 131 1.63 -1.56 18.21
CA VAL A 131 1.00 -2.13 17.03
C VAL A 131 1.64 -3.47 16.73
N ALA A 132 0.82 -4.48 16.53
CA ALA A 132 1.29 -5.78 16.09
C ALA A 132 1.43 -5.75 14.57
N THR A 133 2.61 -6.08 14.09
CA THR A 133 2.97 -5.95 12.69
C THR A 133 3.04 -7.31 12.01
N TYR A 134 2.48 -7.37 10.82
CA TYR A 134 2.30 -8.60 10.06
C TYR A 134 2.73 -8.45 8.60
N ALA A 135 3.21 -9.55 8.02
CA ALA A 135 3.48 -9.62 6.58
C ALA A 135 3.57 -11.09 6.23
N SER A 136 3.50 -11.39 4.95
CA SER A 136 3.71 -12.77 4.52
C SER A 136 5.12 -13.22 4.87
N PRO A 137 5.35 -14.54 4.96
CA PRO A 137 6.72 -15.01 5.14
C PRO A 137 7.62 -14.61 4.00
N SER A 138 7.10 -14.52 2.79
N SER A 138 7.12 -14.55 2.77
CA SER A 138 7.91 -14.09 1.66
CA SER A 138 7.95 -14.07 1.67
C SER A 138 8.38 -12.64 1.84
C SER A 138 8.43 -12.65 1.95
N THR A 139 7.50 -11.76 2.29
CA THR A 139 7.88 -10.38 2.56
C THR A 139 8.87 -10.32 3.70
N ARG A 140 8.65 -11.08 4.77
CA ARG A 140 9.57 -11.03 5.89
C ARG A 140 10.97 -11.49 5.50
N ARG A 141 11.07 -12.55 4.67
N ARG A 141 11.07 -12.56 4.69
CA ARG A 141 12.38 -13.02 4.25
CA ARG A 141 12.38 -13.03 4.24
C ARG A 141 13.08 -11.99 3.36
C ARG A 141 13.07 -11.95 3.40
N LEU A 142 12.33 -11.34 2.46
CA LEU A 142 12.94 -10.37 1.58
C LEU A 142 13.37 -9.14 2.34
N ALA A 143 12.53 -8.68 3.29
CA ALA A 143 12.89 -7.53 4.10
C ALA A 143 14.17 -7.82 4.88
N GLU A 144 14.23 -8.99 5.52
CA GLU A 144 15.42 -9.34 6.27
C GLU A 144 16.66 -9.39 5.40
N ALA A 145 16.54 -10.00 4.22
CA ALA A 145 17.73 -10.19 3.38
C ALA A 145 18.24 -8.87 2.88
N GLU A 146 17.35 -7.91 2.63
N GLU A 146 17.36 -7.92 2.66
CA GLU A 146 17.76 -6.63 2.07
CA GLU A 146 17.70 -6.63 2.10
C GLU A 146 18.14 -5.60 3.12
C GLU A 146 17.98 -5.54 3.11
N GLY A 147 17.84 -5.83 4.40
CA GLY A 147 18.13 -4.84 5.43
C GLY A 147 17.03 -3.86 5.71
N ASN A 148 15.79 -4.20 5.38
CA ASN A 148 14.64 -3.38 5.70
C ASN A 148 14.03 -3.83 7.02
N GLU A 149 13.16 -3.01 7.59
CA GLU A 149 12.50 -3.38 8.84
C GLU A 149 11.57 -4.57 8.63
N ILE A 150 11.43 -5.37 9.67
CA ILE A 150 10.85 -6.70 9.53
C ILE A 150 9.59 -6.79 10.38
N PRO A 151 8.43 -6.94 9.78
CA PRO A 151 7.20 -7.20 10.56
C PRO A 151 7.37 -8.43 11.46
N THR A 152 6.70 -8.40 12.61
CA THR A 152 6.86 -9.47 13.60
C THR A 152 6.22 -10.79 13.22
N HIS A 153 5.02 -10.76 12.67
CA HIS A 153 4.17 -11.92 12.55
C HIS A 153 3.99 -12.32 11.10
N SER A 154 4.05 -13.60 10.84
CA SER A 154 3.90 -14.14 9.50
C SER A 154 2.46 -14.44 9.16
N LEU A 155 2.07 -14.08 7.95
CA LEU A 155 0.75 -14.33 7.40
C LEU A 155 0.83 -15.54 6.47
N GLU A 156 0.43 -16.69 6.99
CA GLU A 156 0.40 -17.94 6.22
C GLU A 156 -0.87 -17.93 5.33
N GLY A 157 -0.94 -18.88 4.42
CA GLY A 157 -2.11 -19.01 3.57
C GLY A 157 -2.15 -18.12 2.36
N LEU A 158 -1.02 -17.50 2.01
CA LEU A 158 -0.91 -16.54 0.93
C LEU A 158 0.20 -16.90 -0.04
N SER A 159 0.73 -18.13 -0.01
CA SER A 159 1.93 -18.39 -0.78
C SER A 159 1.67 -18.74 -2.22
N SER A 160 0.44 -19.07 -2.63
N SER A 160 0.42 -19.04 -2.60
CA SER A 160 0.16 -19.42 -4.00
CA SER A 160 0.05 -19.46 -3.95
C SER A 160 -0.75 -18.35 -4.64
C SER A 160 -0.79 -18.38 -4.61
N SER A 161 -0.45 -17.97 -5.88
N SER A 161 -0.52 -18.11 -5.88
CA SER A 161 -1.27 -16.95 -6.51
CA SER A 161 -1.29 -17.09 -6.59
C SER A 161 -2.75 -17.37 -6.51
C SER A 161 -2.79 -17.42 -6.53
N GLY A 162 -3.60 -16.40 -6.24
CA GLY A 162 -5.03 -16.62 -6.06
C GLY A 162 -5.43 -16.87 -4.63
N ASP A 163 -4.47 -17.05 -3.71
CA ASP A 163 -4.80 -17.28 -2.31
C ASP A 163 -5.38 -16.02 -1.69
N ALA A 164 -6.28 -16.24 -0.75
CA ALA A 164 -6.91 -15.17 -0.01
C ALA A 164 -7.12 -15.61 1.43
N VAL A 165 -6.99 -14.66 2.35
CA VAL A 165 -7.25 -14.89 3.76
C VAL A 165 -7.94 -13.66 4.33
N ARG A 166 -8.74 -13.86 5.39
CA ARG A 166 -9.34 -12.74 6.08
C ARG A 166 -8.43 -12.25 7.20
N PHE A 167 -8.47 -10.94 7.40
CA PHE A 167 -7.67 -10.27 8.42
C PHE A 167 -8.49 -9.11 8.93
N GLY A 168 -9.19 -9.27 10.05
CA GLY A 168 -10.09 -8.24 10.50
C GLY A 168 -11.09 -7.88 9.42
N PRO A 169 -11.27 -6.57 9.19
CA PRO A 169 -12.26 -6.10 8.22
C PRO A 169 -11.81 -6.18 6.77
N VAL A 170 -10.69 -6.82 6.45
CA VAL A 170 -10.25 -6.91 5.07
C VAL A 170 -10.03 -8.36 4.66
N GLU A 171 -9.90 -8.53 3.35
CA GLU A 171 -9.38 -9.72 2.74
C GLU A 171 -8.03 -9.39 2.13
N LEU A 172 -7.04 -10.24 2.41
CA LEU A 172 -5.71 -10.15 1.79
C LEU A 172 -5.66 -11.15 0.64
N PHE A 173 -5.10 -10.73 -0.49
CA PHE A 173 -5.06 -11.55 -1.69
C PHE A 173 -3.67 -11.49 -2.29
N TYR A 174 -3.13 -12.65 -2.63
CA TYR A 174 -1.85 -12.72 -3.31
C TYR A 174 -2.09 -12.94 -4.78
N PRO A 175 -1.84 -11.96 -5.66
CA PRO A 175 -2.22 -12.11 -7.06
C PRO A 175 -1.17 -12.78 -7.92
N GLY A 176 0.03 -13.01 -7.39
CA GLY A 176 1.19 -13.39 -8.16
C GLY A 176 2.19 -12.24 -8.26
N ALA A 177 3.35 -12.54 -8.81
CA ALA A 177 4.41 -11.56 -8.93
C ALA A 177 3.99 -10.41 -9.84
N ALA A 178 4.36 -9.19 -9.47
CA ALA A 178 4.02 -8.01 -10.26
C ALA A 178 5.11 -6.97 -10.01
N HIS A 179 4.79 -5.92 -9.26
CA HIS A 179 5.79 -4.98 -8.81
C HIS A 179 6.90 -5.65 -8.04
N SER A 180 6.56 -6.65 -7.26
CA SER A 180 7.51 -7.48 -6.52
C SER A 180 6.94 -8.88 -6.48
N THR A 181 7.77 -9.85 -6.09
N THR A 181 7.79 -9.82 -6.09
CA THR A 181 7.26 -11.22 -6.07
CA THR A 181 7.37 -11.20 -6.03
C THR A 181 6.32 -11.46 -4.90
C THR A 181 6.38 -11.46 -4.91
N ASP A 182 6.40 -10.63 -3.87
CA ASP A 182 5.64 -10.82 -2.65
C ASP A 182 4.41 -9.91 -2.55
N ASN A 183 4.14 -9.06 -3.53
CA ASN A 183 3.10 -8.07 -3.35
C ASN A 183 1.74 -8.65 -3.06
N LEU A 184 1.08 -8.08 -2.06
CA LEU A 184 -0.29 -8.42 -1.69
C LEU A 184 -1.22 -7.27 -2.05
N VAL A 185 -2.49 -7.63 -2.20
N VAL A 185 -2.48 -7.60 -2.34
CA VAL A 185 -3.61 -6.73 -2.47
CA VAL A 185 -3.53 -6.59 -2.41
C VAL A 185 -4.52 -6.83 -1.25
C VAL A 185 -4.55 -6.83 -1.32
N VAL A 186 -5.31 -5.78 -1.00
CA VAL A 186 -6.21 -5.75 0.13
C VAL A 186 -7.58 -5.28 -0.33
N TYR A 187 -8.62 -6.03 0.04
CA TYR A 187 -9.98 -5.65 -0.31
C TYR A 187 -10.77 -5.40 0.97
N VAL A 188 -11.56 -4.33 0.97
CA VAL A 188 -12.43 -3.99 2.08
C VAL A 188 -13.83 -4.35 1.62
N PRO A 189 -14.38 -5.52 2.00
CA PRO A 189 -15.67 -5.92 1.40
C PRO A 189 -16.82 -5.02 1.79
N SER A 190 -16.80 -4.40 2.97
CA SER A 190 -17.93 -3.56 3.39
C SER A 190 -18.11 -2.38 2.46
N ALA A 191 -17.02 -1.94 1.82
CA ALA A 191 -17.03 -0.73 1.02
C ALA A 191 -16.65 -0.96 -0.43
N ASN A 192 -16.36 -2.18 -0.82
CA ASN A 192 -15.87 -2.49 -2.15
C ASN A 192 -14.66 -1.65 -2.54
N VAL A 193 -13.75 -1.50 -1.61
CA VAL A 193 -12.50 -0.78 -1.84
C VAL A 193 -11.38 -1.78 -2.10
N LEU A 194 -10.70 -1.61 -3.23
CA LEU A 194 -9.56 -2.42 -3.59
C LEU A 194 -8.30 -1.59 -3.44
N TYR A 195 -7.46 -1.96 -2.51
CA TYR A 195 -6.16 -1.33 -2.32
C TYR A 195 -5.14 -2.19 -3.02
N GLY A 196 -4.67 -1.70 -4.16
CA GLY A 196 -3.77 -2.51 -4.97
C GLY A 196 -2.33 -2.47 -4.54
N GLY A 197 -1.97 -1.52 -3.71
CA GLY A 197 -0.57 -1.35 -3.42
C GLY A 197 0.22 -1.10 -4.70
N CYS A 198 1.52 -1.41 -4.66
CA CYS A 198 2.39 -0.99 -5.76
C CYS A 198 2.27 -1.85 -7.01
N ALA A 199 1.51 -2.94 -6.95
CA ALA A 199 1.11 -3.68 -8.14
C ALA A 199 0.12 -2.92 -9.02
N VAL A 200 -0.43 -1.82 -8.54
CA VAL A 200 -1.42 -1.04 -9.28
C VAL A 200 -0.93 0.39 -9.37
N HIS A 201 -0.96 0.94 -10.58
N HIS A 201 -0.94 0.93 -10.58
CA HIS A 201 -0.54 2.30 -10.83
CA HIS A 201 -0.54 2.29 -10.86
C HIS A 201 -1.71 3.22 -11.13
C HIS A 201 -1.75 3.20 -10.98
N GLU A 202 -1.51 4.48 -10.79
CA GLU A 202 -2.51 5.51 -11.02
C GLU A 202 -2.69 5.75 -12.53
N LEU A 203 -3.83 6.33 -12.88
CA LEU A 203 -4.17 6.55 -14.30
C LEU A 203 -3.20 7.47 -15.01
N SER A 204 -2.60 8.45 -14.33
CA SER A 204 -1.66 9.35 -15.02
C SER A 204 -0.29 8.74 -15.26
N SER A 205 -0.05 7.56 -14.73
N SER A 205 -0.02 7.56 -14.69
CA SER A 205 1.25 6.92 -14.88
CA SER A 205 1.29 6.93 -14.84
C SER A 205 1.62 6.70 -16.33
C SER A 205 1.63 6.66 -16.29
N THR A 206 2.92 6.87 -16.61
CA THR A 206 3.48 6.73 -17.93
C THR A 206 4.54 5.66 -17.96
N SER A 207 4.85 5.09 -16.82
CA SER A 207 5.85 4.07 -16.73
C SER A 207 5.39 3.16 -15.63
N ALA A 208 6.06 2.05 -15.52
CA ALA A 208 5.77 1.08 -14.50
C ALA A 208 6.44 1.42 -13.17
N GLY A 209 6.80 2.68 -12.90
CA GLY A 209 7.33 3.04 -11.58
C GLY A 209 8.71 2.46 -11.35
N ASN A 210 8.97 2.10 -10.11
CA ASN A 210 10.26 1.50 -9.79
C ASN A 210 10.16 0.00 -10.00
N VAL A 211 10.80 -0.47 -11.06
CA VAL A 211 10.68 -1.86 -11.48
C VAL A 211 11.86 -2.71 -11.04
N ALA A 212 12.69 -2.22 -10.12
CA ALA A 212 13.92 -2.93 -9.79
C ALA A 212 13.67 -4.39 -9.41
N ASP A 213 12.60 -4.66 -8.67
CA ASP A 213 12.30 -5.99 -8.17
C ASP A 213 11.09 -6.61 -8.85
N ALA A 214 10.66 -6.06 -9.98
CA ALA A 214 9.41 -6.47 -10.60
C ALA A 214 9.60 -7.69 -11.50
N ASP A 215 8.46 -8.28 -11.87
CA ASP A 215 8.38 -9.33 -12.89
C ASP A 215 7.44 -8.80 -13.97
N LEU A 216 8.00 -8.12 -14.98
CA LEU A 216 7.15 -7.48 -15.99
C LEU A 216 6.38 -8.51 -16.81
N ALA A 217 6.96 -9.70 -16.98
CA ALA A 217 6.31 -10.76 -17.75
C ALA A 217 5.07 -11.31 -17.04
N GLU A 218 5.12 -11.48 -15.71
CA GLU A 218 4.00 -12.02 -14.95
C GLU A 218 2.99 -10.96 -14.54
N TRP A 219 3.41 -9.70 -14.47
CA TRP A 219 2.58 -8.63 -13.95
C TRP A 219 1.21 -8.59 -14.59
N PRO A 220 1.06 -8.61 -15.92
N PRO A 220 1.06 -8.61 -15.93
CA PRO A 220 -0.29 -8.56 -16.49
CA PRO A 220 -0.29 -8.58 -16.50
C PRO A 220 -1.15 -9.75 -16.09
C PRO A 220 -1.15 -9.75 -16.02
N THR A 221 -0.55 -10.93 -15.91
CA THR A 221 -1.30 -12.11 -15.47
C THR A 221 -1.78 -11.91 -14.04
N SER A 222 -0.92 -11.35 -13.21
CA SER A 222 -1.30 -11.03 -11.83
C SER A 222 -2.41 -10.00 -11.78
N VAL A 223 -2.35 -8.96 -12.61
CA VAL A 223 -3.43 -8.00 -12.65
C VAL A 223 -4.73 -8.65 -13.11
N GLU A 224 -4.65 -9.52 -14.13
N GLU A 224 -4.65 -9.52 -14.13
CA GLU A 224 -5.84 -10.23 -14.57
CA GLU A 224 -5.86 -10.22 -14.57
C GLU A 224 -6.48 -11.01 -13.43
C GLU A 224 -6.48 -10.99 -13.42
N ARG A 225 -5.66 -11.61 -12.56
CA ARG A 225 -6.21 -12.32 -11.42
C ARG A 225 -6.96 -11.37 -10.49
N ILE A 226 -6.40 -10.18 -10.24
CA ILE A 226 -7.10 -9.20 -9.44
C ILE A 226 -8.44 -8.84 -10.05
N GLN A 227 -8.43 -8.53 -11.36
CA GLN A 227 -9.65 -8.15 -12.06
C GLN A 227 -10.71 -9.24 -11.93
N LYS A 228 -10.30 -10.50 -12.07
CA LYS A 228 -11.26 -11.59 -12.00
C LYS A 228 -11.81 -11.74 -10.59
N HIS A 229 -10.95 -11.55 -9.59
CA HIS A 229 -11.35 -11.80 -8.22
C HIS A 229 -12.21 -10.69 -7.63
N TYR A 230 -12.03 -9.44 -8.07
CA TYR A 230 -12.70 -8.30 -7.47
C TYR A 230 -13.48 -7.49 -8.49
N PRO A 231 -14.44 -8.12 -9.17
CA PRO A 231 -15.17 -7.41 -10.24
C PRO A 231 -16.10 -6.34 -9.72
N GLU A 232 -16.42 -6.33 -8.43
N GLU A 232 -16.41 -6.32 -8.44
CA GLU A 232 -17.31 -5.34 -7.85
CA GLU A 232 -17.31 -5.31 -7.90
C GLU A 232 -16.58 -4.17 -7.20
C GLU A 232 -16.59 -4.18 -7.19
N ALA A 233 -15.28 -4.08 -7.34
CA ALA A 233 -14.56 -2.99 -6.73
C ALA A 233 -15.08 -1.66 -7.26
N GLU A 234 -15.30 -0.71 -6.35
CA GLU A 234 -15.77 0.62 -6.67
C GLU A 234 -14.69 1.68 -6.64
N VAL A 235 -13.75 1.53 -5.74
CA VAL A 235 -12.59 2.40 -5.60
C VAL A 235 -11.37 1.49 -5.68
N VAL A 236 -10.38 1.91 -6.46
CA VAL A 236 -9.10 1.24 -6.59
C VAL A 236 -8.03 2.25 -6.19
N ILE A 237 -7.20 1.88 -5.23
CA ILE A 237 -6.16 2.75 -4.68
C ILE A 237 -4.81 2.19 -5.10
N PRO A 238 -3.98 2.99 -5.77
CA PRO A 238 -2.63 2.55 -6.15
C PRO A 238 -1.66 2.73 -4.99
N GLY A 239 -0.48 2.14 -5.13
CA GLY A 239 0.54 2.34 -4.11
C GLY A 239 1.06 3.75 -4.04
N HIS A 240 1.03 4.44 -5.16
CA HIS A 240 1.49 5.82 -5.31
C HIS A 240 0.47 6.54 -6.19
N GLY A 241 -0.02 7.69 -5.77
CA GLY A 241 -0.87 8.51 -6.61
C GLY A 241 -2.35 8.37 -6.35
N LEU A 242 -3.12 8.83 -7.33
CA LEU A 242 -4.55 9.11 -7.10
C LEU A 242 -5.41 7.85 -7.21
N PRO A 243 -6.34 7.64 -6.28
CA PRO A 243 -7.36 6.61 -6.48
C PRO A 243 -8.24 6.87 -7.67
N GLY A 244 -8.85 5.81 -8.17
CA GLY A 244 -9.87 5.88 -9.18
C GLY A 244 -10.75 4.67 -9.11
N GLY A 245 -11.22 4.22 -10.28
CA GLY A 245 -12.04 3.06 -10.35
C GLY A 245 -11.31 1.86 -10.92
N LEU A 246 -12.08 0.89 -11.42
CA LEU A 246 -11.50 -0.35 -11.94
C LEU A 246 -10.53 -0.11 -13.08
N ASP A 247 -10.66 1.00 -13.82
CA ASP A 247 -9.77 1.23 -14.93
C ASP A 247 -8.31 1.30 -14.53
N LEU A 248 -7.99 1.55 -13.24
CA LEU A 248 -6.60 1.54 -12.85
C LEU A 248 -5.98 0.18 -13.14
N LEU A 249 -6.73 -0.91 -12.99
CA LEU A 249 -6.17 -2.23 -13.23
C LEU A 249 -5.78 -2.41 -14.70
N GLN A 250 -6.70 -2.11 -15.62
CA GLN A 250 -6.35 -2.25 -17.04
C GLN A 250 -5.23 -1.30 -17.44
N HIS A 251 -5.27 -0.07 -16.94
CA HIS A 251 -4.21 0.89 -17.23
C HIS A 251 -2.86 0.33 -16.78
N THR A 252 -2.81 -0.25 -15.60
CA THR A 252 -1.57 -0.82 -15.11
C THR A 252 -1.05 -1.91 -16.03
N ALA A 253 -1.92 -2.82 -16.44
CA ALA A 253 -1.52 -3.87 -17.38
C ALA A 253 -0.98 -3.25 -18.65
N ASN A 254 -1.65 -2.23 -19.16
CA ASN A 254 -1.22 -1.59 -20.40
C ASN A 254 0.16 -0.99 -20.27
N VAL A 255 0.39 -0.22 -19.20
N VAL A 255 0.41 -0.23 -19.19
CA VAL A 255 1.68 0.44 -19.03
CA VAL A 255 1.71 0.46 -19.07
C VAL A 255 2.80 -0.59 -18.89
C VAL A 255 2.86 -0.48 -18.70
N VAL A 256 2.55 -1.62 -18.07
CA VAL A 256 3.59 -2.59 -17.81
C VAL A 256 3.95 -3.30 -19.10
N LYS A 257 2.94 -3.65 -19.92
CA LYS A 257 3.23 -4.34 -21.18
C LYS A 257 4.04 -3.43 -22.09
N ALA A 258 3.67 -2.15 -22.15
CA ALA A 258 4.37 -1.22 -23.01
C ALA A 258 5.78 -0.94 -22.48
N HIS A 259 5.96 -0.96 -21.16
CA HIS A 259 7.28 -0.78 -20.58
C HIS A 259 8.20 -1.91 -21.02
N LYS A 260 7.76 -3.15 -20.74
CA LYS A 260 8.46 -4.35 -21.19
C LYS A 260 8.80 -4.27 -22.67
N ASN A 261 7.82 -3.90 -23.50
CA ASN A 261 8.07 -3.70 -24.92
C ASN A 261 9.26 -2.77 -25.11
ZN ZN B . 8.01 -1.44 -3.98
ZN ZN C . 5.86 1.44 -4.19
C19 YQR D . 9.56 3.31 -5.25
C17 YQR D . 10.36 5.43 -6.10
C18 YQR D . 9.44 4.37 -6.16
C16 YQR D . 11.39 5.36 -5.17
C15 YQR D . 11.51 4.28 -4.28
C14 YQR D . 10.59 3.24 -4.30
C10 YQR D . 14.05 -1.23 -3.91
C12 YQR D . 11.20 0.16 -4.96
C21 YQR D . 7.82 2.90 -6.53
C22 YQR D . 6.71 2.06 -7.07
C01 YQR D . 11.10 2.33 -1.95
C02 YQR D . 10.67 2.01 -3.35
C04 YQR D . 13.05 1.09 -3.92
C05 YQR D . 13.47 -0.09 -4.71
C06 YQR D . 14.74 0.00 -5.53
C07 YQR D . 15.19 -1.32 -4.88
C08 YQR D . 16.58 -1.31 -4.37
C25 YQR D . 8.32 4.11 -6.98
C26 YQR D . 7.81 4.98 -8.08
C27 YQR D . 6.49 5.29 -8.41
C29 YQR D . 5.45 6.67 -10.20
C31 YQR D . 8.59 5.62 -9.03
N03 YQR D . 11.61 1.07 -3.97
N09 YQR D . 17.53 -1.66 -5.42
N20 YQR D . 8.54 2.46 -5.50
N28 YQR D . 6.55 6.08 -9.48
N30 YQR D . 7.80 6.26 -9.86
O11 YQR D . 12.32 -0.49 -5.44
O13 YQR D . 10.10 0.00 -5.40
O23 YQR D . 6.56 2.04 -8.32
O24 YQR D . 6.10 1.28 -6.29
H171 YQR D . 10.28 6.28 -6.77
H161 YQR D . 12.12 6.16 -5.13
H151 YQR D . 12.33 4.25 -3.57
H101 YQR D . 13.43 -2.12 -3.92
H102 YQR D . 14.38 -0.93 -2.92
H011 YQR D . 10.39 3.04 -1.51
H013 YQR D . 12.09 2.79 -1.97
H012 YQR D . 11.12 1.43 -1.36
H021 YQR D . 9.67 1.60 -3.24
H041 YQR D . 13.40 0.99 -2.89
H042 YQR D . 13.42 2.00 -4.37
H061 YQR D . 15.36 0.83 -5.26
H062 YQR D . 14.55 -0.11 -6.59
H071 YQR D . 15.04 -2.17 -5.52
H082 YQR D . 16.67 -2.03 -3.57
H081 YQR D . 16.83 -0.32 -4.00
H271 YQR D . 5.59 4.97 -7.90
H291 YQR D . 5.83 7.32 -10.98
H292 YQR D . 4.84 7.26 -9.51
H293 YQR D . 4.84 5.89 -10.65
H311 YQR D . 9.67 5.61 -9.07
H091 YQR D . 17.04 -2.08 -6.19
H201 YQR D . 8.35 1.62 -4.98
H092 YQR D . 18.01 -0.83 -5.74
#